data_9MME
#
_entry.id   9MME
#
_cell.length_a   1.00
_cell.length_b   1.00
_cell.length_c   1.00
_cell.angle_alpha   90.00
_cell.angle_beta   90.00
_cell.angle_gamma   90.00
#
_symmetry.space_group_name_H-M   'P 1'
#
loop_
_entity.id
_entity.type
_entity.pdbx_description
1 polymer 'RNA (523-MER)'
2 non-polymer 'MAGNESIUM ION'
3 non-polymer 'POTASSIUM ION'
#
_entity_poly.entity_id   1
_entity_poly.type   'polyribonucleotide'
_entity_poly.pdbx_seq_one_letter_code
;UAUUUGAAUCAUACCUGCGAUCAACUCGAUGAAUAAAGUACGCCAGUACUUCGAGGUGUGUGGUAAAUCCAAUAGACCCG
GAAACGGGUGAGGGGCGCCCAGUCAACCAAAUCAAGGAUACUUCUUUUGGAAGGCUGCCGGGGUUUAGUGAUAAAUCCCG
GGAAGACGGAAACCGUCAACGGAAACACAUAUCGCAGAAAUGCCCGCAUUUAAAAGCACGGAACUUCUGGAUGCAGCAAU
AGACGCCUACGGUGUAGGAGUAAGCCUAAGGGGUAUCAGUGUGGCAACUGAUAUGACAGAGGUAAAGCCAACAAUGCAUU
CUGCCUUGAUGACGGAGAAAUCCGCCUAUAACAGAAGUCGCCGGUGAAAGUAGCCAUAUGGCAGAUUGACAAAAACUCGU
UUAUUAAUCUGAAUGGACGGUGAAAUUUACAGGUAGCCAAUCCUGUGCAGGCUUGUGGCGUAAGCCAAGGGUAAGAAGUU
AGGGGUCGCUCCCCGAAGCUCAGACUUAUCUUCCUGGUGGCAGAAUAUAAGUGAAGGGCACGGAUUGUACGGCGAAGGCC
GGAUCGUAGGUAUGAUUCAA
;
_entity_poly.pdbx_strand_id   U,Y,c,g,k,o,s,w
#